data_3QJ0
#
_entry.id   3QJ0
#
_cell.length_a   59.170
_cell.length_b   188.918
_cell.length_c   42.562
_cell.angle_alpha   90.000
_cell.angle_beta   90.000
_cell.angle_gamma   90.000
#
_symmetry.space_group_name_H-M   'P 21 21 2'
#
loop_
_entity.id
_entity.type
_entity.pdbx_description
1 polymer 'Botulinum neurotoxin type A'
2 non-polymer 'ZINC ION'
3 non-polymer (4R)-4-(4-chlorophenoxy)-1-[(4-chlorophenyl)sulfonyl]-N-hydroxy-L-prolinamide
4 non-polymer 1,2-ETHANEDIOL
5 water water
#
_entity_poly.entity_id   1
_entity_poly.type   'polypeptide(L)'
_entity_poly.pdbx_seq_one_letter_code
;MGFVNKQFNYKDPVNGVDIAYIKIPNAGQMQPVKAFKIHNKIWVIPERDTFTNPEEGDLNPPPEAKQVPVSYYDSTYLST
DNEKDNYLKGVTKLFERIYSTDLGRMLLTSIVRGIPFWGGSTIDTELKVIDTNCINVIQPDGSYRSEELNLVIIGPSADI
IQFECKSFGHEVLNLTRNGYGSTQYIRFSPDFTFGFEESLEVDTNPLLGAGKFATDPAVTLAHELIHAGHRLYGIAINPN
RVFKVNTNAYYEMSGLEVSFEELRTFGGHDAKFIDSLQENEFRLYYYNKFKDIASTLNKAKSIVGTTASLQYMKNVFKEK
YLLSEDTSGKFSVDKLKFDKLYKMLTEIYTEDNFVKFFKVLNRKTYLNFDKAVFKINIVPKVNYTIYDGFNLRNTNLAAN
FNGQNTEINNMNFTKLKNFTGLFEHHHHHH
;
_entity_poly.pdbx_strand_id   A
#
# COMPACT_ATOMS: atom_id res chain seq x y z
N GLY A 2 17.36 5.75 -6.88
CA GLY A 2 17.15 4.73 -5.85
C GLY A 2 16.14 5.20 -4.83
N PHE A 3 14.99 4.53 -4.78
CA PHE A 3 13.96 4.88 -3.82
C PHE A 3 14.38 4.48 -2.39
N VAL A 4 15.04 3.35 -2.27
CA VAL A 4 15.58 2.89 -1.00
C VAL A 4 17.10 2.83 -1.13
N ASN A 5 17.79 3.79 -0.51
CA ASN A 5 19.25 3.88 -0.67
C ASN A 5 20.05 3.08 0.37
N LYS A 6 19.43 2.75 1.48
CA LYS A 6 20.03 1.85 2.47
C LYS A 6 19.56 0.41 2.26
N GLN A 7 20.49 -0.49 1.92
CA GLN A 7 20.16 -1.90 1.70
C GLN A 7 20.18 -2.66 3.01
N PHE A 8 19.10 -2.55 3.77
CA PHE A 8 19.04 -3.08 5.13
C PHE A 8 19.25 -4.60 5.19
N ASN A 9 19.80 -5.07 6.31
CA ASN A 9 19.81 -6.49 6.60
C ASN A 9 19.09 -6.70 7.92
N TYR A 10 18.31 -7.77 8.02
CA TYR A 10 17.42 -7.91 9.17
C TYR A 10 18.14 -7.77 10.52
N LYS A 11 19.34 -8.32 10.61
CA LYS A 11 20.08 -8.34 11.88
C LYS A 11 20.86 -7.06 12.18
N ASP A 12 20.81 -6.10 11.27
CA ASP A 12 21.45 -4.81 11.50
C ASP A 12 21.03 -4.19 12.83
N PRO A 13 22.00 -3.63 13.57
CA PRO A 13 21.76 -2.97 14.85
C PRO A 13 20.70 -1.87 14.76
N VAL A 14 19.83 -1.81 15.76
CA VAL A 14 18.80 -0.78 15.84
C VAL A 14 19.45 0.54 16.11
N ASN A 15 19.48 1.41 15.11
CA ASN A 15 20.11 2.72 15.25
C ASN A 15 19.13 3.79 15.74
N GLY A 16 17.88 3.35 15.93
CA GLY A 16 16.84 4.21 16.49
C GLY A 16 16.21 5.21 15.55
N VAL A 17 16.81 5.39 14.37
CA VAL A 17 16.28 6.34 13.40
C VAL A 17 15.49 5.67 12.27
N ASP A 18 16.14 4.73 11.57
CA ASP A 18 15.46 4.01 10.49
C ASP A 18 15.52 2.50 10.70
N ILE A 19 16.04 2.10 11.86
CA ILE A 19 16.00 0.71 12.26
C ILE A 19 15.66 0.67 13.73
N ALA A 20 14.46 0.18 14.07
CA ALA A 20 14.05 0.23 15.47
C ALA A 20 12.98 -0.77 15.83
N TYR A 21 12.81 -1.01 17.12
CA TYR A 21 11.67 -1.74 17.61
C TYR A 21 10.51 -0.78 17.83
N ILE A 22 9.35 -1.11 17.27
CA ILE A 22 8.20 -0.22 17.30
C ILE A 22 6.91 -0.90 17.72
N LYS A 23 5.93 -0.09 18.11
CA LYS A 23 4.58 -0.61 18.28
C LYS A 23 3.67 0.19 17.34
N ILE A 24 2.61 -0.46 16.87
CA ILE A 24 1.66 0.20 16.02
C ILE A 24 0.45 0.58 16.84
N PRO A 25 -0.27 1.61 16.40
CA PRO A 25 -1.36 2.20 17.17
C PRO A 25 -2.60 1.34 17.18
N ASN A 26 -2.50 0.16 17.78
CA ASN A 26 -3.65 -0.71 17.83
C ASN A 26 -4.31 -0.68 19.21
N ALA A 27 -3.50 -0.48 20.24
CA ALA A 27 -3.99 -0.48 21.62
C ALA A 27 -4.21 -1.92 22.08
N GLY A 28 -3.39 -2.82 21.53
CA GLY A 28 -3.43 -4.22 21.91
C GLY A 28 -2.19 -4.62 22.68
N GLN A 29 -1.54 -3.61 23.30
CA GLN A 29 -0.36 -3.81 24.14
C GLN A 29 0.62 -4.85 23.57
N MET A 30 0.89 -4.78 22.27
CA MET A 30 1.80 -5.69 21.62
C MET A 30 3.22 -5.61 22.20
N GLN A 31 4.05 -6.57 21.83
CA GLN A 31 5.48 -6.48 22.10
C GLN A 31 6.10 -5.83 20.89
N PRO A 32 7.03 -4.88 21.11
CA PRO A 32 7.69 -4.20 19.98
C PRO A 32 8.30 -5.17 18.96
N VAL A 33 8.14 -4.85 17.67
CA VAL A 33 8.72 -5.66 16.61
C VAL A 33 9.80 -4.87 15.88
N LYS A 34 10.75 -5.55 15.26
CA LYS A 34 11.81 -4.83 14.55
C LYS A 34 11.27 -4.32 13.22
N ALA A 35 11.52 -3.04 12.94
CA ALA A 35 11.03 -2.42 11.70
C ALA A 35 12.10 -1.59 11.02
N PHE A 36 11.89 -1.29 9.74
CA PHE A 36 12.92 -0.66 8.95
C PHE A 36 12.27 0.42 8.13
N LYS A 37 12.72 1.65 8.34
CA LYS A 37 12.24 2.79 7.57
C LYS A 37 12.97 2.88 6.22
N ILE A 38 12.29 2.53 5.14
CA ILE A 38 13.00 2.39 3.85
C ILE A 38 13.00 3.67 3.06
N HIS A 39 12.13 4.59 3.47
CA HIS A 39 11.96 5.85 2.79
C HIS A 39 11.16 6.75 3.72
N ASN A 40 11.26 8.05 3.50
CA ASN A 40 10.46 9.03 4.20
C ASN A 40 9.00 8.59 4.29
N LYS A 41 8.47 8.50 5.50
CA LYS A 41 7.06 8.13 5.69
C LYS A 41 6.72 6.66 5.37
N ILE A 42 7.70 5.84 5.00
CA ILE A 42 7.39 4.46 4.64
C ILE A 42 8.19 3.45 5.43
N TRP A 43 7.51 2.62 6.21
CA TRP A 43 8.21 1.59 6.97
C TRP A 43 7.89 0.15 6.51
N VAL A 44 8.84 -0.75 6.74
CA VAL A 44 8.62 -2.17 6.47
C VAL A 44 8.73 -3.01 7.75
N ILE A 45 7.75 -3.85 7.98
CA ILE A 45 7.78 -4.73 9.14
C ILE A 45 7.76 -6.19 8.71
N PRO A 46 8.92 -6.88 8.76
CA PRO A 46 9.04 -8.30 8.38
C PRO A 46 8.50 -9.26 9.45
N GLU A 47 7.17 -9.32 9.57
CA GLU A 47 6.52 -10.17 10.56
C GLU A 47 5.16 -10.53 9.98
N ARG A 48 4.63 -11.68 10.36
CA ARG A 48 3.25 -12.00 10.07
C ARG A 48 2.33 -11.01 10.80
N ASP A 49 1.30 -10.53 10.11
CA ASP A 49 0.45 -9.51 10.72
C ASP A 49 -0.60 -10.06 11.70
N THR A 50 -0.20 -10.18 12.96
CA THR A 50 -1.14 -10.49 14.01
C THR A 50 -1.36 -9.23 14.88
N PHE A 51 -1.16 -8.06 14.29
CA PHE A 51 -1.17 -6.81 15.07
C PHE A 51 -2.27 -5.84 14.69
N THR A 52 -2.50 -5.67 13.40
CA THR A 52 -3.45 -4.66 12.93
C THR A 52 -4.86 -5.04 13.34
N ASN A 53 -5.08 -6.33 13.50
CA ASN A 53 -6.36 -6.82 13.97
C ASN A 53 -6.17 -7.90 15.04
N PRO A 54 -6.50 -7.58 16.29
CA PRO A 54 -6.32 -8.55 17.38
C PRO A 54 -7.28 -9.72 17.22
N GLU A 55 -8.38 -9.51 16.50
CA GLU A 55 -9.37 -10.55 16.22
C GLU A 55 -8.78 -11.72 15.43
N GLU A 56 -7.55 -11.56 15.00
CA GLU A 56 -6.88 -12.58 14.22
C GLU A 56 -5.39 -12.64 14.52
N GLY A 57 -5.07 -13.27 15.65
CA GLY A 57 -3.69 -13.48 16.03
C GLY A 57 -3.26 -14.93 15.86
N ASP A 58 -4.12 -15.72 15.21
CA ASP A 58 -3.86 -17.13 14.98
C ASP A 58 -3.53 -17.36 13.51
N LEU A 59 -2.31 -17.80 13.23
CA LEU A 59 -1.90 -18.11 11.87
C LEU A 59 -2.32 -19.52 11.47
N ASN A 60 -3.53 -19.91 11.84
CA ASN A 60 -4.02 -21.24 11.53
C ASN A 60 -5.23 -21.20 10.62
N PRO A 61 -5.41 -22.25 9.82
CA PRO A 61 -6.49 -22.35 8.83
C PRO A 61 -7.88 -22.37 9.49
N PRO A 62 -8.87 -21.77 8.80
CA PRO A 62 -10.28 -21.92 9.17
C PRO A 62 -10.80 -23.29 8.72
N PRO A 63 -11.77 -23.86 9.45
CA PRO A 63 -12.13 -25.28 9.26
C PRO A 63 -12.38 -25.68 7.80
N GLU A 64 -13.15 -24.87 7.07
CA GLU A 64 -13.33 -25.07 5.65
C GLU A 64 -12.53 -24.02 4.88
N ALA A 65 -11.95 -24.42 3.75
CA ALA A 65 -11.18 -23.50 2.93
C ALA A 65 -12.11 -22.50 2.25
N LYS A 66 -11.63 -21.27 2.06
CA LYS A 66 -12.38 -20.29 1.31
C LYS A 66 -12.55 -20.79 -0.12
N GLN A 67 -13.76 -20.66 -0.67
CA GLN A 67 -14.03 -21.14 -2.03
C GLN A 67 -13.18 -20.41 -3.06
N VAL A 68 -13.11 -19.09 -2.93
CA VAL A 68 -12.28 -18.27 -3.77
C VAL A 68 -11.80 -17.01 -3.05
N PRO A 69 -10.61 -16.53 -3.42
CA PRO A 69 -9.73 -17.16 -4.40
C PRO A 69 -8.87 -18.25 -3.74
N VAL A 70 -7.77 -18.63 -4.38
CA VAL A 70 -6.88 -19.61 -3.79
C VAL A 70 -6.32 -19.11 -2.44
N SER A 71 -6.22 -20.00 -1.46
CA SER A 71 -5.69 -19.67 -0.15
C SER A 71 -4.52 -20.58 0.19
N TYR A 72 -3.61 -20.10 1.03
CA TYR A 72 -2.46 -20.91 1.45
C TYR A 72 -2.07 -20.61 2.87
N TYR A 73 -1.82 -21.65 3.66
CA TYR A 73 -1.48 -21.53 5.08
C TYR A 73 -0.17 -22.23 5.42
N ASP A 74 0.62 -21.52 6.22
CA ASP A 74 1.88 -22.02 6.74
C ASP A 74 2.26 -21.16 7.92
N SER A 75 1.91 -21.65 9.11
CA SER A 75 2.08 -20.90 10.34
C SER A 75 3.55 -20.58 10.66
N THR A 76 4.48 -21.23 9.99
CA THR A 76 5.90 -21.01 10.25
C THR A 76 6.55 -20.11 9.23
N TYR A 77 5.85 -19.81 8.15
CA TYR A 77 6.43 -18.90 7.18
C TYR A 77 6.72 -17.53 7.83
N LEU A 78 7.91 -16.99 7.55
CA LEU A 78 8.32 -15.69 8.06
C LEU A 78 8.49 -15.65 9.58
N SER A 79 8.93 -16.77 10.15
CA SER A 79 9.19 -16.86 11.59
C SER A 79 10.68 -16.84 11.92
N THR A 80 11.53 -16.78 10.91
CA THR A 80 12.97 -16.85 11.13
C THR A 80 13.66 -15.58 10.64
N ASP A 81 14.80 -15.25 11.23
CA ASP A 81 15.53 -14.06 10.84
C ASP A 81 16.01 -14.11 9.40
N ASN A 82 16.23 -15.31 8.90
CA ASN A 82 16.64 -15.41 7.52
C ASN A 82 15.52 -15.10 6.53
N GLU A 83 14.31 -15.56 6.81
CA GLU A 83 13.15 -15.23 5.99
C GLU A 83 12.83 -13.75 6.12
N LYS A 84 12.92 -13.26 7.35
CA LYS A 84 12.66 -11.86 7.62
C LYS A 84 13.64 -11.00 6.86
N ASP A 85 14.88 -11.47 6.80
CA ASP A 85 15.88 -10.74 6.03
C ASP A 85 15.58 -10.81 4.52
N ASN A 86 15.17 -11.98 4.05
CA ASN A 86 14.84 -12.13 2.63
C ASN A 86 13.58 -11.37 2.25
N TYR A 87 12.61 -11.34 3.16
CA TYR A 87 11.37 -10.61 2.95
C TYR A 87 11.72 -9.16 2.79
N LEU A 88 12.56 -8.67 3.70
CA LEU A 88 12.95 -7.26 3.70
C LEU A 88 13.60 -6.91 2.36
N LYS A 89 14.54 -7.73 1.94
CA LYS A 89 15.25 -7.48 0.67
C LYS A 89 14.35 -7.64 -0.59
N GLY A 90 13.32 -8.50 -0.52
CA GLY A 90 12.39 -8.66 -1.63
C GLY A 90 11.46 -7.46 -1.78
N VAL A 91 10.85 -7.07 -0.67
CA VAL A 91 10.02 -5.87 -0.65
C VAL A 91 10.78 -4.66 -1.20
N THR A 92 12.01 -4.47 -0.73
CA THR A 92 12.87 -3.37 -1.19
C THR A 92 13.14 -3.40 -2.70
N LYS A 93 13.43 -4.58 -3.23
CA LYS A 93 13.66 -4.69 -4.67
C LYS A 93 12.42 -4.42 -5.48
N LEU A 94 11.25 -4.78 -4.95
CA LEU A 94 10.00 -4.45 -5.65
C LEU A 94 9.73 -2.94 -5.65
N PHE A 95 10.05 -2.25 -4.56
CA PHE A 95 9.94 -0.79 -4.60
C PHE A 95 10.83 -0.23 -5.70
N GLU A 96 12.04 -0.75 -5.83
CA GLU A 96 12.94 -0.14 -6.79
C GLU A 96 12.40 -0.30 -8.20
N ARG A 97 11.83 -1.47 -8.45
CA ARG A 97 11.24 -1.81 -9.74
C ARG A 97 10.06 -0.91 -10.09
N ILE A 98 9.17 -0.68 -9.14
CA ILE A 98 8.09 0.29 -9.31
C ILE A 98 8.65 1.69 -9.56
N TYR A 99 9.66 2.07 -8.78
CA TYR A 99 10.27 3.38 -8.89
C TYR A 99 10.93 3.57 -10.26
N SER A 100 11.44 2.48 -10.82
CA SER A 100 12.20 2.55 -12.06
C SER A 100 11.33 2.96 -13.23
N THR A 101 10.01 2.89 -13.05
CA THR A 101 9.06 3.33 -14.06
C THR A 101 8.57 4.74 -13.72
N ASP A 102 8.10 5.44 -14.75
CA ASP A 102 7.60 6.79 -14.55
C ASP A 102 6.23 6.80 -13.86
N LEU A 103 5.44 5.77 -14.08
CA LEU A 103 4.14 5.69 -13.43
C LEU A 103 4.34 5.49 -11.94
N GLY A 104 5.28 4.63 -11.60
CA GLY A 104 5.52 4.27 -10.21
C GLY A 104 6.15 5.41 -9.44
N ARG A 105 7.17 6.01 -10.03
CA ARG A 105 7.82 7.17 -9.46
C ARG A 105 6.78 8.24 -9.07
N MET A 106 5.76 8.40 -9.91
CA MET A 106 4.70 9.36 -9.63
C MET A 106 3.81 8.87 -8.50
N LEU A 107 3.51 7.58 -8.50
CA LEU A 107 2.65 7.02 -7.47
C LEU A 107 3.31 7.13 -6.12
N LEU A 108 4.59 6.78 -6.06
CA LEU A 108 5.34 6.83 -4.81
C LEU A 108 5.43 8.26 -4.27
N THR A 109 5.62 9.22 -5.18
CA THR A 109 5.64 10.62 -4.76
C THR A 109 4.29 11.02 -4.18
N SER A 110 3.21 10.75 -4.90
CA SER A 110 1.87 11.01 -4.37
C SER A 110 1.66 10.37 -2.99
N ILE A 111 2.14 9.14 -2.82
CA ILE A 111 2.07 8.49 -1.52
C ILE A 111 2.88 9.22 -0.42
N VAL A 112 4.10 9.62 -0.74
CA VAL A 112 4.93 10.26 0.26
C VAL A 112 4.39 11.62 0.72
N ARG A 113 3.68 12.31 -0.15
CA ARG A 113 3.17 13.61 0.23
C ARG A 113 1.73 13.54 0.73
N GLY A 114 1.14 12.35 0.66
CA GLY A 114 -0.21 12.17 1.15
C GLY A 114 -0.33 12.00 2.66
N ILE A 115 0.31 12.89 3.42
CA ILE A 115 0.21 12.89 4.89
C ILE A 115 -1.24 12.87 5.32
N PRO A 116 -1.62 11.93 6.19
CA PRO A 116 -2.98 11.95 6.78
C PRO A 116 -3.31 13.25 7.52
N PHE A 117 -4.51 13.75 7.31
CA PHE A 117 -4.91 15.04 7.86
C PHE A 117 -4.91 15.05 9.38
N TRP A 118 -4.62 16.23 9.91
CA TRP A 118 -4.55 16.46 11.34
C TRP A 118 -5.90 16.90 11.92
N GLY A 119 -6.87 15.98 11.87
CA GLY A 119 -8.21 16.22 12.38
C GLY A 119 -8.44 15.59 13.75
N GLY A 120 -7.39 15.50 14.55
CA GLY A 120 -7.46 14.83 15.83
C GLY A 120 -8.16 15.57 16.95
N SER A 121 -8.16 16.90 16.93
CA SER A 121 -8.70 17.67 18.06
C SER A 121 -10.23 17.84 18.02
N THR A 122 -10.84 17.94 19.20
CA THR A 122 -12.26 18.27 19.32
C THR A 122 -12.55 19.76 19.12
N ILE A 123 -11.52 20.59 19.23
CA ILE A 123 -11.67 22.01 18.95
C ILE A 123 -11.44 22.25 17.45
N ASP A 124 -12.48 22.71 16.75
CA ASP A 124 -12.40 22.84 15.29
C ASP A 124 -11.34 23.84 14.81
N THR A 125 -10.95 24.76 15.70
CA THR A 125 -9.94 25.75 15.37
C THR A 125 -8.52 25.24 15.64
N GLU A 126 -8.39 24.00 16.09
CA GLU A 126 -7.09 23.44 16.49
C GLU A 126 -6.65 22.25 15.65
N LEU A 127 -5.49 22.35 15.01
CA LEU A 127 -4.91 21.19 14.33
C LEU A 127 -4.21 20.22 15.30
N LYS A 128 -4.47 18.93 15.11
CA LYS A 128 -3.91 17.89 15.97
C LYS A 128 -3.77 16.60 15.19
N VAL A 129 -2.64 15.94 15.35
CA VAL A 129 -2.41 14.68 14.66
C VAL A 129 -3.34 13.62 15.24
N ILE A 130 -3.80 12.71 14.39
CA ILE A 130 -4.56 11.54 14.88
C ILE A 130 -3.57 10.42 15.22
N ASP A 131 -3.60 9.95 16.46
CA ASP A 131 -2.61 8.98 16.96
C ASP A 131 -2.52 7.64 16.20
N THR A 132 -3.64 7.16 15.66
CA THR A 132 -3.64 5.95 14.84
C THR A 132 -2.97 6.18 13.51
N ASN A 133 -2.47 7.41 13.29
CA ASN A 133 -1.63 7.66 12.10
C ASN A 133 -0.14 7.77 12.44
N CYS A 134 0.25 7.26 13.61
CA CYS A 134 1.64 7.28 14.05
C CYS A 134 2.12 5.89 14.46
N ILE A 135 3.42 5.76 14.64
CA ILE A 135 3.98 4.56 15.27
C ILE A 135 4.87 4.95 16.45
N ASN A 136 4.87 4.14 17.49
CA ASN A 136 5.74 4.38 18.62
C ASN A 136 7.10 3.72 18.45
N VAL A 137 8.14 4.54 18.48
CA VAL A 137 9.50 4.05 18.33
C VAL A 137 10.23 4.01 19.67
N ILE A 138 10.87 2.87 19.96
CA ILE A 138 11.56 2.65 21.22
C ILE A 138 12.85 3.43 21.29
N GLN A 139 13.19 3.92 22.49
CA GLN A 139 14.40 4.68 22.76
C GLN A 139 15.35 3.84 23.60
N PRO A 140 16.63 4.24 23.72
CA PRO A 140 17.60 3.49 24.53
C PRO A 140 17.05 3.21 25.92
N ASP A 141 16.37 4.19 26.51
CA ASP A 141 15.82 4.03 27.86
C ASP A 141 14.42 3.38 27.92
N GLY A 142 13.98 2.77 26.82
CA GLY A 142 12.70 2.09 26.81
C GLY A 142 11.47 2.98 26.79
N SER A 143 11.68 4.29 26.65
CA SER A 143 10.55 5.18 26.43
C SER A 143 10.25 5.17 24.93
N TYR A 144 9.06 5.64 24.56
CA TYR A 144 8.63 5.68 23.16
C TYR A 144 8.47 7.10 22.62
N ARG A 145 8.97 7.31 21.42
CA ARG A 145 8.70 8.55 20.69
C ARG A 145 7.71 8.31 19.54
N SER A 146 6.62 9.08 19.55
CA SER A 146 5.61 9.00 18.50
C SER A 146 6.13 9.56 17.17
N GLU A 147 6.05 8.78 16.11
CA GLU A 147 6.48 9.22 14.80
C GLU A 147 5.35 9.07 13.75
N GLU A 148 5.16 10.09 12.94
CA GLU A 148 4.18 10.03 11.88
C GLU A 148 4.70 9.24 10.70
N LEU A 149 3.79 8.59 9.99
CA LEU A 149 4.15 7.85 8.79
C LEU A 149 2.90 7.67 7.94
N ASN A 150 3.11 7.39 6.66
CA ASN A 150 2.03 7.14 5.70
C ASN A 150 1.78 5.67 5.39
N LEU A 151 2.85 4.90 5.38
CA LEU A 151 2.75 3.58 4.80
C LEU A 151 3.60 2.55 5.55
N VAL A 152 2.99 1.42 5.87
CA VAL A 152 3.71 0.30 6.44
C VAL A 152 3.44 -0.95 5.59
N ILE A 153 4.52 -1.58 5.17
CA ILE A 153 4.41 -2.86 4.48
C ILE A 153 4.66 -3.92 5.56
N ILE A 154 3.71 -4.84 5.70
CA ILE A 154 3.83 -5.85 6.72
C ILE A 154 3.55 -7.22 6.08
N GLY A 155 4.04 -8.30 6.71
CA GLY A 155 3.81 -9.64 6.19
C GLY A 155 2.35 -10.05 6.28
N PRO A 156 1.96 -11.12 5.58
CA PRO A 156 0.54 -11.50 5.57
C PRO A 156 0.06 -12.10 6.90
N SER A 157 -1.26 -12.11 7.10
CA SER A 157 -1.88 -12.78 8.23
C SER A 157 -1.96 -14.30 8.00
N ALA A 158 -2.98 -14.94 8.57
CA ALA A 158 -3.15 -16.40 8.40
C ALA A 158 -2.99 -16.85 6.95
N ASP A 159 -3.94 -16.44 6.10
CA ASP A 159 -3.87 -16.76 4.67
C ASP A 159 -2.74 -15.96 4.04
N ILE A 160 -1.66 -16.67 3.75
CA ILE A 160 -0.43 -16.10 3.26
C ILE A 160 -0.56 -15.36 1.93
N ILE A 161 -1.56 -15.73 1.12
CA ILE A 161 -1.67 -15.16 -0.23
C ILE A 161 -2.74 -14.09 -0.28
N GLN A 162 -3.29 -13.74 0.88
CA GLN A 162 -4.31 -12.71 0.94
C GLN A 162 -3.70 -11.31 1.25
N PHE A 163 -3.42 -10.60 0.18
CA PHE A 163 -2.84 -9.27 0.25
C PHE A 163 -3.93 -8.23 0.31
N GLU A 164 -3.72 -7.19 1.13
CA GLU A 164 -4.76 -6.24 1.43
C GLU A 164 -4.17 -4.91 1.93
N CYS A 165 -4.90 -3.82 1.69
CA CYS A 165 -4.54 -2.52 2.22
C CYS A 165 -5.55 -2.16 3.29
N LYS A 166 -5.09 -2.04 4.52
CA LYS A 166 -5.98 -1.74 5.63
C LYS A 166 -5.40 -0.62 6.53
N SER A 167 -6.20 -0.15 7.49
CA SER A 167 -5.79 0.99 8.29
C SER A 167 -6.71 1.06 9.47
N PHE A 168 -6.27 1.79 10.50
CA PHE A 168 -7.04 1.93 11.73
C PHE A 168 -8.14 2.95 11.59
N GLY A 169 -9.32 2.63 12.12
CA GLY A 169 -10.48 3.50 12.00
C GLY A 169 -10.59 4.55 13.10
N HIS A 170 -11.45 5.54 12.91
CA HIS A 170 -11.79 6.54 13.93
C HIS A 170 -13.22 6.33 14.42
N GLU A 171 -13.45 6.65 15.69
CA GLU A 171 -14.73 6.39 16.32
C GLU A 171 -15.86 7.20 15.69
N VAL A 172 -15.51 8.26 14.97
CA VAL A 172 -16.52 9.16 14.43
C VAL A 172 -16.31 9.46 12.95
N LEU A 173 -15.05 9.49 12.53
CA LEU A 173 -14.71 9.88 11.17
C LEU A 173 -14.46 8.68 10.25
N ASN A 174 -14.79 8.84 8.96
CA ASN A 174 -14.47 7.85 7.93
C ASN A 174 -13.21 8.26 7.19
N LEU A 175 -12.05 7.97 7.77
CA LEU A 175 -10.80 8.57 7.32
C LEU A 175 -10.42 8.26 5.88
N THR A 176 -10.77 7.07 5.39
CA THR A 176 -10.47 6.73 3.99
C THR A 176 -11.51 7.24 2.99
N ARG A 177 -12.57 7.90 3.45
CA ARG A 177 -13.62 8.38 2.54
C ARG A 177 -14.10 9.80 2.82
N ASN A 178 -13.30 10.55 3.57
CA ASN A 178 -13.67 11.93 3.88
C ASN A 178 -12.58 12.93 3.50
N GLY A 179 -11.69 12.53 2.60
CA GLY A 179 -10.55 13.34 2.23
C GLY A 179 -9.36 13.35 3.22
N TYR A 180 -9.63 13.00 4.48
CA TYR A 180 -8.56 13.06 5.51
C TYR A 180 -7.39 12.12 5.21
N GLY A 181 -7.69 10.84 4.93
CA GLY A 181 -6.67 9.82 4.77
C GLY A 181 -6.18 9.27 6.12
N SER A 182 -5.51 8.12 6.10
CA SER A 182 -5.00 7.49 7.31
C SER A 182 -3.79 6.62 6.96
N THR A 183 -2.97 6.27 7.94
CA THR A 183 -1.78 5.49 7.63
C THR A 183 -2.22 4.15 7.10
N GLN A 184 -1.57 3.69 6.04
CA GLN A 184 -1.98 2.47 5.37
C GLN A 184 -1.05 1.34 5.71
N TYR A 185 -1.62 0.19 6.02
CA TYR A 185 -0.90 -1.05 6.24
C TYR A 185 -1.18 -2.07 5.13
N ILE A 186 -0.15 -2.37 4.36
CA ILE A 186 -0.29 -3.32 3.29
C ILE A 186 0.20 -4.71 3.73
N ARG A 187 -0.72 -5.65 3.90
CA ARG A 187 -0.32 -7.06 4.00
C ARG A 187 0.17 -7.57 2.69
N PHE A 188 1.44 -7.94 2.63
CA PHE A 188 2.06 -8.32 1.37
C PHE A 188 3.26 -9.21 1.59
N SER A 189 3.47 -10.17 0.67
CA SER A 189 4.66 -11.00 0.67
C SER A 189 5.31 -11.00 -0.71
N PRO A 190 6.63 -10.76 -0.74
CA PRO A 190 7.37 -10.94 -1.99
C PRO A 190 7.74 -12.41 -2.22
N ASP A 191 7.37 -13.29 -1.29
CA ASP A 191 7.89 -14.69 -1.33
C ASP A 191 6.95 -15.66 -2.03
N PHE A 192 5.72 -15.22 -2.26
CA PHE A 192 4.72 -16.03 -2.93
C PHE A 192 4.05 -15.20 -4.03
N THR A 193 3.42 -15.89 -4.98
CA THR A 193 2.53 -15.29 -5.96
C THR A 193 1.48 -16.30 -6.45
N PHE A 194 0.56 -15.81 -7.28
CA PHE A 194 -0.54 -16.62 -7.75
C PHE A 194 -0.54 -16.70 -9.27
N GLY A 195 -1.20 -17.74 -9.79
CA GLY A 195 -1.25 -17.98 -11.24
C GLY A 195 -2.50 -17.49 -11.97
N PHE A 196 -2.43 -17.52 -13.30
CA PHE A 196 -3.56 -17.18 -14.16
C PHE A 196 -3.36 -17.80 -15.54
N GLU A 197 -4.44 -18.06 -16.24
CA GLU A 197 -4.34 -18.69 -17.56
C GLU A 197 -4.68 -17.71 -18.68
N GLU A 198 -3.90 -17.73 -19.76
CA GLU A 198 -4.19 -16.88 -20.92
C GLU A 198 -3.95 -17.60 -22.24
N ALA A 210 -3.25 -24.73 -23.04
CA ALA A 210 -3.70 -23.88 -21.92
C ALA A 210 -2.89 -22.60 -21.75
N GLY A 211 -1.68 -22.71 -21.18
CA GLY A 211 -0.84 -21.54 -20.94
C GLY A 211 -0.96 -21.02 -19.51
N LYS A 212 -0.12 -21.54 -18.62
CA LYS A 212 -0.17 -21.19 -17.20
C LYS A 212 0.93 -20.19 -16.78
N PHE A 213 0.51 -19.01 -16.33
CA PHE A 213 1.44 -17.92 -16.01
C PHE A 213 1.34 -17.46 -14.57
N ALA A 214 2.40 -16.84 -14.08
CA ALA A 214 2.39 -16.28 -12.73
C ALA A 214 2.29 -14.74 -12.73
N THR A 215 1.59 -14.18 -11.75
CA THR A 215 1.47 -12.71 -11.63
C THR A 215 2.81 -12.16 -11.16
N ASP A 216 3.30 -11.11 -11.83
CA ASP A 216 4.54 -10.50 -11.39
C ASP A 216 4.28 -9.75 -10.08
N PRO A 217 5.00 -10.13 -8.99
CA PRO A 217 4.69 -9.55 -7.66
C PRO A 217 4.81 -8.03 -7.61
N ALA A 218 5.54 -7.43 -8.56
CA ALA A 218 5.60 -5.97 -8.67
C ALA A 218 4.23 -5.40 -9.01
N VAL A 219 3.49 -6.11 -9.87
CA VAL A 219 2.12 -5.71 -10.24
C VAL A 219 1.21 -5.81 -9.02
N THR A 220 1.41 -6.86 -8.23
CA THR A 220 0.63 -7.01 -7.00
C THR A 220 0.95 -5.90 -5.97
N LEU A 221 2.23 -5.61 -5.79
CA LEU A 221 2.61 -4.53 -4.90
C LEU A 221 2.02 -3.21 -5.38
N ALA A 222 2.18 -2.92 -6.68
CA ALA A 222 1.65 -1.67 -7.23
C ALA A 222 0.16 -1.61 -7.01
N HIS A 223 -0.50 -2.75 -7.13
CA HIS A 223 -1.94 -2.80 -6.89
C HIS A 223 -2.24 -2.32 -5.47
N GLU A 224 -1.54 -2.85 -4.49
CA GLU A 224 -1.79 -2.44 -3.11
C GLU A 224 -1.46 -0.94 -2.85
N LEU A 225 -0.39 -0.48 -3.49
CA LEU A 225 0.01 0.89 -3.34
C LEU A 225 -1.09 1.78 -3.91
N ILE A 226 -1.73 1.32 -4.98
CA ILE A 226 -2.83 2.09 -5.57
C ILE A 226 -3.99 2.20 -4.59
N HIS A 227 -4.34 1.10 -3.93
CA HIS A 227 -5.31 1.18 -2.84
C HIS A 227 -4.82 2.26 -1.82
N ALA A 228 -3.51 2.26 -1.55
CA ALA A 228 -2.99 3.08 -0.46
C ALA A 228 -3.12 4.55 -0.86
N GLY A 229 -2.87 4.84 -2.12
CA GLY A 229 -3.08 6.17 -2.66
C GLY A 229 -4.50 6.65 -2.45
N HIS A 230 -5.48 5.82 -2.77
CA HIS A 230 -6.87 6.19 -2.58
C HIS A 230 -7.14 6.48 -1.12
N ARG A 231 -6.71 5.57 -0.26
CA ARG A 231 -7.00 5.68 1.17
C ARG A 231 -6.23 6.81 1.89
N LEU A 232 -5.05 7.14 1.36
CA LEU A 232 -4.24 8.21 1.95
C LEU A 232 -4.86 9.58 1.67
N TYR A 233 -5.59 9.65 0.56
CA TYR A 233 -6.28 10.87 0.15
C TYR A 233 -7.77 10.84 0.52
N GLY A 234 -8.19 9.83 1.30
CA GLY A 234 -9.57 9.72 1.74
C GLY A 234 -10.62 9.71 0.63
N ILE A 235 -10.28 9.14 -0.54
CA ILE A 235 -11.22 9.01 -1.66
C ILE A 235 -11.51 7.55 -2.01
N ALA A 236 -11.25 6.64 -1.09
CA ALA A 236 -11.56 5.24 -1.33
C ALA A 236 -13.08 5.07 -1.50
N ILE A 237 -13.50 4.07 -2.27
CA ILE A 237 -14.93 3.79 -2.39
C ILE A 237 -15.39 2.81 -1.33
N ASN A 238 -16.48 3.18 -0.66
CA ASN A 238 -17.10 2.34 0.36
C ASN A 238 -17.20 0.90 -0.12
N PRO A 239 -16.59 -0.03 0.63
CA PRO A 239 -16.52 -1.45 0.27
C PRO A 239 -17.89 -2.14 0.19
N ASN A 240 -18.95 -1.42 0.57
CA ASN A 240 -20.29 -1.95 0.44
C ASN A 240 -20.92 -1.56 -0.88
N ARG A 241 -20.13 -0.90 -1.73
CA ARG A 241 -20.56 -0.62 -3.09
C ARG A 241 -19.98 -1.66 -4.04
N VAL A 242 -20.68 -2.79 -4.19
CA VAL A 242 -20.21 -3.89 -5.03
C VAL A 242 -21.10 -4.09 -6.26
N PHE A 243 -20.82 -5.15 -7.02
CA PHE A 243 -21.61 -5.42 -8.21
C PHE A 243 -21.11 -6.63 -8.98
N GLU A 257 -19.39 -11.32 -5.82
CA GLU A 257 -19.49 -9.88 -5.98
C GLU A 257 -18.13 -9.17 -5.88
N VAL A 258 -17.98 -8.09 -6.66
CA VAL A 258 -16.72 -7.35 -6.69
C VAL A 258 -16.99 -5.87 -6.43
N SER A 259 -16.19 -5.29 -5.55
CA SER A 259 -16.40 -3.91 -5.14
C SER A 259 -15.84 -2.90 -6.13
N PHE A 260 -16.44 -1.73 -6.17
CA PHE A 260 -16.02 -0.66 -7.07
C PHE A 260 -14.55 -0.34 -6.88
N GLU A 261 -14.13 -0.32 -5.62
CA GLU A 261 -12.75 0.01 -5.27
C GLU A 261 -11.77 -0.89 -5.99
N GLU A 262 -12.06 -2.19 -6.01
CA GLU A 262 -11.24 -3.15 -6.76
C GLU A 262 -11.31 -2.92 -8.26
N LEU A 263 -12.52 -2.70 -8.78
CA LEU A 263 -12.67 -2.46 -10.22
C LEU A 263 -11.83 -1.26 -10.63
N ARG A 264 -11.93 -0.18 -9.86
CA ARG A 264 -11.18 1.03 -10.12
C ARG A 264 -9.67 0.77 -10.04
N THR A 265 -9.23 0.04 -9.03
CA THR A 265 -7.81 -0.23 -8.83
C THR A 265 -7.18 -1.06 -9.95
N PHE A 266 -7.88 -2.13 -10.34
CA PHE A 266 -7.46 -2.96 -11.48
C PHE A 266 -7.36 -2.14 -12.78
N GLY A 267 -8.40 -1.34 -13.05
CA GLY A 267 -8.43 -0.53 -14.25
C GLY A 267 -8.77 -1.34 -15.48
N GLY A 268 -8.32 -0.88 -16.65
CA GLY A 268 -8.56 -1.57 -17.90
C GLY A 268 -10.04 -1.68 -18.21
N HIS A 269 -10.43 -2.78 -18.85
CA HIS A 269 -11.82 -2.99 -19.25
C HIS A 269 -12.81 -2.91 -18.09
N ASP A 270 -12.48 -3.56 -16.99
CA ASP A 270 -13.38 -3.60 -15.84
C ASP A 270 -13.60 -2.23 -15.21
N ALA A 271 -12.67 -1.31 -15.41
CA ALA A 271 -12.76 0.02 -14.79
C ALA A 271 -14.02 0.74 -15.25
N LYS A 272 -14.43 0.50 -16.49
CA LYS A 272 -15.58 1.19 -17.05
C LYS A 272 -16.91 0.55 -16.68
N PHE A 273 -16.88 -0.32 -15.67
CA PHE A 273 -18.11 -0.84 -15.07
C PHE A 273 -18.75 0.22 -14.18
N ILE A 274 -18.13 1.39 -14.13
CA ILE A 274 -18.67 2.52 -13.37
C ILE A 274 -19.00 3.67 -14.32
N ASP A 275 -20.26 3.75 -14.75
CA ASP A 275 -20.66 4.74 -15.73
C ASP A 275 -20.22 6.14 -15.30
N SER A 276 -20.05 7.02 -16.29
CA SER A 276 -19.52 8.36 -16.06
C SER A 276 -20.33 9.18 -15.05
N LEU A 277 -21.65 9.14 -15.17
CA LEU A 277 -22.53 9.88 -14.27
C LEU A 277 -22.33 9.49 -12.81
N GLN A 278 -22.22 8.19 -12.57
CA GLN A 278 -21.99 7.69 -11.23
C GLN A 278 -20.64 8.18 -10.71
N GLU A 279 -19.66 8.19 -11.61
CA GLU A 279 -18.32 8.65 -11.27
C GLU A 279 -18.33 10.12 -10.90
N ASN A 280 -19.14 10.91 -11.61
CA ASN A 280 -19.27 12.34 -11.34
C ASN A 280 -19.86 12.62 -9.96
N GLU A 281 -20.62 11.67 -9.43
CA GLU A 281 -21.15 11.78 -8.07
C GLU A 281 -20.02 11.77 -7.03
N PHE A 282 -19.07 10.86 -7.21
CA PHE A 282 -17.90 10.79 -6.34
C PHE A 282 -16.99 11.96 -6.63
N ARG A 283 -16.78 12.23 -7.92
CA ARG A 283 -15.95 13.38 -8.30
C ARG A 283 -16.38 14.66 -7.55
N LEU A 284 -17.69 14.87 -7.39
CA LEU A 284 -18.19 16.04 -6.67
C LEU A 284 -18.22 15.78 -5.16
N TYR A 285 -18.53 14.55 -4.78
CA TYR A 285 -18.60 14.21 -3.36
C TYR A 285 -17.24 14.37 -2.69
N TYR A 286 -16.17 14.29 -3.48
CA TYR A 286 -14.83 14.48 -2.92
C TYR A 286 -14.27 15.87 -3.18
N TYR A 287 -14.92 16.62 -4.06
CA TYR A 287 -14.58 18.01 -4.28
C TYR A 287 -14.99 18.82 -3.06
N ASN A 288 -16.17 18.51 -2.50
CA ASN A 288 -16.68 19.22 -1.35
C ASN A 288 -16.02 18.77 -0.05
N LYS A 289 -15.45 17.57 -0.08
CA LYS A 289 -14.68 17.05 1.04
C LYS A 289 -13.35 17.76 1.10
N PHE A 290 -12.74 17.96 -0.05
CA PHE A 290 -11.55 18.81 -0.10
C PHE A 290 -11.93 20.27 0.20
N LYS A 291 -13.14 20.67 -0.14
CA LYS A 291 -13.60 22.02 0.16
C LYS A 291 -13.57 22.22 1.66
N ASP A 292 -14.16 21.27 2.39
CA ASP A 292 -14.21 21.36 3.85
C ASP A 292 -12.81 21.45 4.48
N ILE A 293 -11.90 20.59 4.02
CA ILE A 293 -10.53 20.56 4.53
C ILE A 293 -9.87 21.91 4.36
N ALA A 294 -10.18 22.55 3.25
CA ALA A 294 -9.68 23.87 2.94
C ALA A 294 -10.20 24.87 3.99
N SER A 295 -11.47 24.73 4.36
CA SER A 295 -12.07 25.68 5.31
C SER A 295 -11.58 25.41 6.74
N THR A 296 -11.49 24.13 7.11
CA THR A 296 -10.94 23.77 8.42
C THR A 296 -9.53 24.35 8.52
N LEU A 297 -8.82 24.37 7.40
CA LEU A 297 -7.47 24.92 7.36
C LEU A 297 -7.51 26.44 7.51
N ASN A 298 -8.41 27.09 6.78
CA ASN A 298 -8.55 28.53 6.88
C ASN A 298 -8.94 29.01 8.26
N LYS A 299 -9.69 28.17 8.99
CA LYS A 299 -10.22 28.54 10.29
C LYS A 299 -9.32 28.08 11.46
N ALA A 300 -8.25 27.35 11.16
CA ALA A 300 -7.32 26.92 12.21
C ALA A 300 -6.65 28.12 12.89
N LYS A 301 -6.63 28.14 14.22
CA LYS A 301 -5.94 29.18 14.98
C LYS A 301 -4.83 28.62 15.89
N SER A 302 -4.79 27.31 16.08
CA SER A 302 -3.77 26.72 16.94
C SER A 302 -3.35 25.30 16.52
N ILE A 303 -2.25 24.83 17.08
CA ILE A 303 -1.72 23.54 16.74
C ILE A 303 -1.13 22.81 17.93
N VAL A 304 -1.32 21.49 17.94
CA VAL A 304 -0.76 20.63 18.97
C VAL A 304 0.56 20.01 18.56
N GLY A 305 1.47 19.85 19.52
CA GLY A 305 2.79 19.30 19.28
C GLY A 305 3.89 20.36 19.33
N THR A 306 5.12 19.93 19.10
CA THR A 306 6.28 20.79 19.33
C THR A 306 7.03 21.21 18.06
N THR A 307 7.26 20.23 17.19
CA THR A 307 8.12 20.44 16.03
C THR A 307 7.47 21.25 14.90
N ALA A 308 6.19 20.99 14.62
CA ALA A 308 5.54 21.59 13.46
C ALA A 308 4.72 22.85 13.76
N SER A 309 5.02 23.94 13.07
CA SER A 309 4.21 25.13 13.21
C SER A 309 2.90 24.97 12.44
N LEU A 310 1.95 25.85 12.71
CA LEU A 310 0.64 25.80 12.08
C LEU A 310 0.77 26.13 10.61
N GLN A 311 1.62 27.11 10.29
CA GLN A 311 1.88 27.43 8.90
C GLN A 311 2.54 26.25 8.18
N TYR A 312 3.46 25.58 8.88
CA TYR A 312 4.12 24.43 8.28
C TYR A 312 3.12 23.34 7.89
N MET A 313 2.28 22.93 8.84
CA MET A 313 1.26 21.95 8.54
C MET A 313 0.25 22.44 7.47
N LYS A 314 -0.15 23.70 7.53
CA LYS A 314 -1.04 24.23 6.49
C LYS A 314 -0.40 24.06 5.14
N ASN A 315 0.91 24.24 5.10
CA ASN A 315 1.68 24.05 3.87
C ASN A 315 1.69 22.60 3.41
N VAL A 316 1.97 21.67 4.33
CA VAL A 316 1.97 20.26 4.01
C VAL A 316 0.67 19.90 3.33
N PHE A 317 -0.45 20.37 3.90
CA PHE A 317 -1.76 20.00 3.37
C PHE A 317 -2.08 20.72 2.07
N LYS A 318 -1.47 21.88 1.89
CA LYS A 318 -1.56 22.61 0.64
C LYS A 318 -0.90 21.82 -0.48
N GLU A 319 0.22 21.15 -0.18
CA GLU A 319 0.88 20.29 -1.17
C GLU A 319 0.10 19.02 -1.42
N LYS A 320 -0.36 18.39 -0.34
CA LYS A 320 -1.09 17.13 -0.46
C LYS A 320 -2.29 17.28 -1.39
N TYR A 321 -3.15 18.25 -1.11
CA TYR A 321 -4.40 18.42 -1.84
C TYR A 321 -4.30 19.44 -2.98
N LEU A 322 -3.11 19.98 -3.22
CA LEU A 322 -2.88 20.94 -4.29
C LEU A 322 -3.82 22.16 -4.21
N LEU A 323 -3.99 22.67 -3.00
CA LEU A 323 -4.91 23.77 -2.75
C LEU A 323 -4.40 25.04 -3.42
N SER A 324 -5.31 25.97 -3.67
CA SER A 324 -4.88 27.27 -4.15
C SER A 324 -4.84 28.26 -2.99
N GLU A 325 -3.83 29.12 -2.99
CA GLU A 325 -3.68 30.09 -1.92
C GLU A 325 -3.49 31.52 -2.45
N ASP A 326 -4.30 32.45 -1.94
CA ASP A 326 -4.15 33.86 -2.30
C ASP A 326 -3.07 34.54 -1.45
N THR A 327 -2.87 35.84 -1.70
CA THR A 327 -1.80 36.61 -1.07
C THR A 327 -1.99 36.75 0.44
N SER A 328 -3.25 36.67 0.88
CA SER A 328 -3.58 36.72 2.30
C SER A 328 -3.53 35.35 2.99
N GLY A 329 -2.98 34.34 2.30
CA GLY A 329 -2.78 33.03 2.89
C GLY A 329 -4.04 32.21 3.14
N LYS A 330 -5.10 32.51 2.40
CA LYS A 330 -6.33 31.72 2.50
C LYS A 330 -6.38 30.64 1.40
N PHE A 331 -6.86 29.45 1.75
CA PHE A 331 -6.88 28.32 0.82
C PHE A 331 -8.22 28.09 0.14
N SER A 332 -8.17 27.62 -1.10
CA SER A 332 -9.38 27.25 -1.81
C SER A 332 -9.12 26.08 -2.76
N VAL A 333 -10.18 25.40 -3.16
CA VAL A 333 -10.01 24.24 -4.04
C VAL A 333 -10.19 24.61 -5.51
N ASP A 334 -9.12 24.48 -6.28
CA ASP A 334 -9.15 24.75 -7.72
C ASP A 334 -9.76 23.53 -8.43
N LYS A 335 -10.88 23.72 -9.10
CA LYS A 335 -11.58 22.59 -9.69
C LYS A 335 -10.79 21.88 -10.79
N LEU A 336 -9.98 22.64 -11.53
CA LEU A 336 -9.07 22.04 -12.52
C LEU A 336 -7.89 21.27 -11.89
N LYS A 337 -7.31 21.83 -10.82
CA LYS A 337 -6.25 21.15 -10.08
C LYS A 337 -6.80 19.88 -9.47
N PHE A 338 -8.04 19.96 -9.00
CA PHE A 338 -8.69 18.84 -8.34
C PHE A 338 -8.90 17.69 -9.31
N ASP A 339 -9.51 17.99 -10.46
CA ASP A 339 -9.77 17.01 -11.50
C ASP A 339 -8.48 16.27 -11.89
N LYS A 340 -7.41 17.00 -12.10
CA LYS A 340 -6.12 16.40 -12.44
C LYS A 340 -5.67 15.41 -11.34
N LEU A 341 -5.69 15.86 -10.09
CA LEU A 341 -5.34 15.02 -8.95
C LEU A 341 -6.28 13.81 -8.85
N TYR A 342 -7.58 14.07 -8.94
CA TYR A 342 -8.55 12.98 -8.81
C TYR A 342 -8.36 11.87 -9.86
N LYS A 343 -8.33 12.25 -11.12
CA LYS A 343 -8.14 11.27 -12.20
C LYS A 343 -6.75 10.64 -12.15
N MET A 344 -5.79 11.40 -11.64
CA MET A 344 -4.42 10.90 -11.50
C MET A 344 -4.39 9.74 -10.50
N LEU A 345 -5.14 9.89 -9.41
CA LEU A 345 -5.19 8.87 -8.36
C LEU A 345 -6.14 7.71 -8.69
N THR A 346 -7.19 7.98 -9.44
CA THR A 346 -8.23 6.99 -9.73
C THR A 346 -8.26 6.43 -11.15
N GLU A 347 -7.62 7.08 -12.10
CA GLU A 347 -7.71 6.59 -13.49
C GLU A 347 -6.34 6.30 -14.08
N ILE A 348 -5.37 7.12 -13.69
CA ILE A 348 -4.01 6.96 -14.20
C ILE A 348 -3.24 5.94 -13.36
N TYR A 349 -3.44 5.98 -12.05
CA TYR A 349 -2.86 5.01 -11.15
C TYR A 349 -3.76 3.78 -11.11
N THR A 350 -3.55 2.85 -12.05
CA THR A 350 -4.29 1.59 -12.11
C THR A 350 -3.30 0.45 -12.31
N GLU A 351 -3.69 -0.76 -11.90
CA GLU A 351 -2.88 -1.93 -12.15
C GLU A 351 -2.73 -2.09 -13.66
N ASP A 352 -3.81 -1.86 -14.39
CA ASP A 352 -3.75 -2.03 -15.84
C ASP A 352 -2.58 -1.25 -16.44
N ASN A 353 -2.45 0.01 -16.04
CA ASN A 353 -1.38 0.86 -16.52
C ASN A 353 0.02 0.42 -16.09
N PHE A 354 0.19 -0.07 -14.86
CA PHE A 354 1.50 -0.59 -14.48
C PHE A 354 1.90 -1.76 -15.36
N VAL A 355 0.93 -2.62 -15.66
CA VAL A 355 1.15 -3.76 -16.54
C VAL A 355 1.83 -3.33 -17.83
N LYS A 356 1.30 -2.28 -18.44
CA LYS A 356 1.90 -1.68 -19.63
C LYS A 356 3.34 -1.17 -19.42
N PHE A 357 3.58 -0.52 -18.28
CA PHE A 357 4.91 0.03 -17.99
C PHE A 357 5.95 -1.05 -17.67
N PHE A 358 5.51 -2.12 -17.00
CA PHE A 358 6.41 -3.24 -16.72
C PHE A 358 6.65 -4.12 -17.96
N LYS A 359 5.78 -4.00 -18.96
CA LYS A 359 5.82 -4.83 -20.17
C LYS A 359 5.74 -6.31 -19.81
N VAL A 360 4.86 -6.62 -18.87
CA VAL A 360 4.70 -7.99 -18.44
C VAL A 360 3.30 -8.48 -18.84
N LEU A 361 3.04 -9.76 -18.62
CA LEU A 361 1.71 -10.36 -18.87
C LEU A 361 0.90 -10.44 -17.56
N ASN A 362 -0.40 -10.15 -17.67
CA ASN A 362 -1.27 -10.14 -16.50
C ASN A 362 -2.68 -10.50 -16.93
N ARG A 363 -3.46 -11.08 -16.02
CA ARG A 363 -4.85 -11.42 -16.32
C ARG A 363 -5.60 -10.19 -16.81
N LYS A 364 -6.67 -10.39 -17.57
CA LYS A 364 -7.37 -9.29 -18.25
C LYS A 364 -8.53 -8.73 -17.45
N THR A 365 -9.05 -9.55 -16.55
CA THR A 365 -10.14 -9.11 -15.68
C THR A 365 -9.79 -9.40 -14.22
N TYR A 366 -10.38 -8.65 -13.30
CA TYR A 366 -10.10 -8.82 -11.90
C TYR A 366 -10.24 -10.28 -11.43
N LEU A 367 -11.22 -11.01 -11.95
CA LEU A 367 -11.46 -12.37 -11.49
C LEU A 367 -10.77 -13.44 -12.31
N ASN A 368 -10.21 -13.06 -13.46
CA ASN A 368 -9.55 -14.03 -14.34
C ASN A 368 -8.20 -14.51 -13.81
N PHE A 369 -8.27 -15.18 -12.66
CA PHE A 369 -7.11 -15.81 -12.05
C PHE A 369 -7.40 -17.29 -12.04
N ASP A 370 -6.43 -18.09 -11.59
CA ASP A 370 -6.69 -19.49 -11.41
C ASP A 370 -6.26 -19.91 -10.01
N LYS A 371 -6.80 -21.02 -9.53
CA LYS A 371 -6.45 -21.46 -8.19
C LYS A 371 -5.09 -22.11 -8.21
N ALA A 372 -4.06 -21.27 -8.34
CA ALA A 372 -2.68 -21.73 -8.25
C ALA A 372 -1.84 -20.70 -7.47
N VAL A 373 -1.12 -21.19 -6.45
CA VAL A 373 -0.25 -20.36 -5.67
C VAL A 373 1.15 -20.95 -5.72
N PHE A 374 2.15 -20.09 -5.87
CA PHE A 374 3.54 -20.52 -6.01
C PHE A 374 4.47 -19.92 -4.99
N LYS A 375 5.47 -20.70 -4.61
CA LYS A 375 6.58 -20.16 -3.80
C LYS A 375 7.62 -19.64 -4.78
N ILE A 376 8.11 -18.43 -4.53
CA ILE A 376 9.04 -17.80 -5.44
C ILE A 376 10.14 -17.17 -4.61
N ASN A 377 11.18 -16.71 -5.29
CA ASN A 377 12.30 -16.04 -4.65
C ASN A 377 12.92 -15.05 -5.62
N ILE A 378 12.58 -13.77 -5.45
CA ILE A 378 12.99 -12.73 -6.40
C ILE A 378 14.26 -12.00 -5.99
N VAL A 379 14.77 -12.30 -4.80
CA VAL A 379 15.99 -11.65 -4.32
C VAL A 379 17.20 -11.85 -5.27
N PRO A 380 17.54 -13.12 -5.59
CA PRO A 380 18.69 -13.36 -6.50
C PRO A 380 18.46 -12.72 -7.87
N LYS A 381 19.47 -12.04 -8.41
CA LYS A 381 19.38 -11.34 -9.68
C LYS A 381 19.23 -12.33 -10.84
N VAL A 382 19.72 -13.55 -10.63
CA VAL A 382 19.57 -14.59 -11.64
C VAL A 382 18.12 -15.04 -11.82
N ASN A 383 17.25 -14.68 -10.88
CA ASN A 383 15.83 -15.07 -10.97
C ASN A 383 14.93 -13.92 -11.40
N TYR A 384 15.28 -12.72 -10.98
CA TYR A 384 14.39 -11.60 -11.11
C TYR A 384 15.18 -10.29 -10.97
N THR A 385 14.90 -9.34 -11.85
CA THR A 385 15.65 -8.09 -11.84
C THR A 385 14.70 -6.90 -11.79
N ILE A 386 15.22 -5.76 -11.35
CA ILE A 386 14.45 -4.53 -11.26
C ILE A 386 13.83 -4.16 -12.59
N TYR A 387 14.56 -4.39 -13.67
CA TYR A 387 14.12 -3.86 -14.96
C TYR A 387 13.26 -4.83 -15.74
N ASP A 388 13.56 -6.12 -15.62
CA ASP A 388 12.92 -7.12 -16.46
C ASP A 388 11.91 -7.97 -15.68
N GLY A 389 12.09 -8.05 -14.37
CA GLY A 389 11.31 -8.98 -13.57
C GLY A 389 11.79 -10.41 -13.79
N PHE A 390 10.86 -11.29 -14.19
CA PHE A 390 11.16 -12.71 -14.48
C PHE A 390 11.65 -12.88 -15.91
N ASN A 391 11.19 -11.99 -16.78
CA ASN A 391 11.45 -12.05 -18.22
C ASN A 391 12.84 -11.50 -18.60
N LEU A 392 13.87 -12.08 -17.99
CA LEU A 392 15.24 -11.63 -18.14
C LEU A 392 15.59 -11.37 -19.60
N ARG A 393 16.23 -10.22 -19.84
CA ARG A 393 16.51 -9.74 -21.19
C ARG A 393 17.48 -10.64 -21.96
N ASN A 394 17.25 -10.75 -23.27
CA ASN A 394 18.12 -11.49 -24.16
C ASN A 394 18.31 -12.98 -23.78
N THR A 395 17.31 -13.57 -23.16
CA THR A 395 17.34 -14.99 -22.84
C THR A 395 16.05 -15.65 -23.33
N ASN A 396 15.90 -16.92 -23.02
CA ASN A 396 14.69 -17.64 -23.38
C ASN A 396 13.47 -17.07 -22.66
N LEU A 397 13.70 -16.55 -21.45
CA LEU A 397 12.61 -16.05 -20.63
C LEU A 397 12.05 -14.75 -21.19
N ALA A 398 12.85 -14.08 -22.01
CA ALA A 398 12.46 -12.78 -22.55
C ALA A 398 11.41 -12.89 -23.67
N ALA A 399 11.22 -14.10 -24.21
CA ALA A 399 10.28 -14.30 -25.32
C ALA A 399 8.91 -14.76 -24.83
N ASN A 400 7.86 -14.06 -25.26
CA ASN A 400 6.48 -14.42 -24.91
C ASN A 400 6.26 -14.61 -23.42
N PHE A 401 6.95 -13.81 -22.60
CA PHE A 401 6.78 -13.87 -21.15
C PHE A 401 7.05 -15.27 -20.64
N ASN A 402 7.99 -15.97 -21.28
CA ASN A 402 8.45 -17.26 -20.78
C ASN A 402 8.89 -17.14 -19.33
N GLY A 403 9.45 -15.98 -18.97
CA GLY A 403 9.82 -15.72 -17.60
C GLY A 403 8.67 -15.98 -16.65
N GLN A 404 7.46 -15.65 -17.09
CA GLN A 404 6.28 -15.80 -16.21
C GLN A 404 5.55 -17.14 -16.42
N ASN A 405 6.07 -17.96 -17.32
CA ASN A 405 5.45 -19.25 -17.58
C ASN A 405 5.87 -20.25 -16.54
N THR A 406 4.93 -20.63 -15.71
CA THR A 406 5.21 -21.51 -14.59
C THR A 406 5.71 -22.91 -15.03
N GLU A 407 5.57 -23.23 -16.32
CA GLU A 407 6.10 -24.51 -16.83
C GLU A 407 7.46 -24.39 -17.50
N ILE A 408 7.62 -23.38 -18.35
CA ILE A 408 8.92 -23.10 -18.96
C ILE A 408 9.97 -22.65 -17.93
N ASN A 409 9.58 -21.74 -17.04
CA ASN A 409 10.50 -21.26 -16.00
C ASN A 409 10.11 -21.85 -14.65
N ASN A 410 9.98 -23.17 -14.63
CA ASN A 410 9.44 -23.89 -13.47
C ASN A 410 10.44 -23.91 -12.31
N MET A 411 11.71 -23.68 -12.62
CA MET A 411 12.71 -23.48 -11.57
C MET A 411 12.45 -22.25 -10.67
N ASN A 412 11.53 -21.35 -11.06
CA ASN A 412 11.22 -20.16 -10.24
C ASN A 412 9.84 -20.17 -9.56
N PHE A 413 9.04 -21.18 -9.88
CA PHE A 413 7.67 -21.28 -9.36
C PHE A 413 7.41 -22.70 -8.81
N THR A 414 7.69 -22.89 -7.53
CA THR A 414 7.37 -24.13 -6.88
C THR A 414 5.88 -24.11 -6.58
N LYS A 415 5.12 -24.92 -7.32
CA LYS A 415 3.67 -24.91 -7.14
C LYS A 415 3.32 -25.51 -5.79
N LEU A 416 2.42 -24.85 -5.08
CA LEU A 416 2.11 -25.27 -3.72
C LEU A 416 0.75 -25.98 -3.64
N LYS A 417 0.62 -26.79 -2.60
CA LYS A 417 -0.65 -27.42 -2.27
C LYS A 417 -1.69 -26.35 -1.92
N ASN A 418 -2.64 -26.13 -2.82
CA ASN A 418 -3.83 -25.37 -2.49
C ASN A 418 -4.46 -25.83 -1.19
N PHE A 419 -4.96 -24.89 -0.40
CA PHE A 419 -5.64 -25.26 0.84
C PHE A 419 -7.12 -25.62 0.60
N THR A 420 -7.55 -26.70 1.24
CA THR A 420 -8.95 -27.14 1.17
C THR A 420 -9.34 -27.89 2.43
#